data_7DCJ
#
_entry.id   7DCJ
#
_cell.length_a   42.221
_cell.length_b   62.765
_cell.length_c   97.345
_cell.angle_alpha   90.000
_cell.angle_beta   90.000
_cell.angle_gamma   90.000
#
_symmetry.space_group_name_H-M   'P 21 21 21'
#
loop_
_entity.id
_entity.type
_entity.pdbx_description
1 polymer 'Heat shock factor protein 1'
2 polymer "DNA (5'-D(*GP*CP*CP*GP*AP*AP*TP*AP*TP*TP*CP*GP*G)-3')"
3 non-polymer 'SODIUM ION'
4 water water
#
loop_
_entity_poly.entity_id
_entity_poly.type
_entity_poly.pdbx_seq_one_letter_code
_entity_poly.pdbx_strand_id
1 'polypeptide(L)'
;GHHHHHHVPAFLTKLWTLVSDPDTDALICWSPSGNSFHVFDQGQFAKEVLPKYFKHNNMASFVRQLNMYGFRKVVHIEQG
GLVKPERDDTEFQHPCFLRGQEQLLENIKRKVT
;
A,B
2 'polydeoxyribonucleotide' (DG)(DC)(DC)(DG)(DA)(DA)(DT)(DA)(DT)(DT)(DC)(DG)(DG)(DC) C,D
#
# COMPACT_ATOMS: atom_id res chain seq x y z
N VAL A 8 -10.61 7.65 15.82
CA VAL A 8 -11.32 7.70 14.54
C VAL A 8 -10.36 7.40 13.39
N PRO A 9 -10.62 6.32 12.65
CA PRO A 9 -9.71 5.92 11.57
C PRO A 9 -9.58 7.01 10.52
N ALA A 10 -8.41 7.03 9.87
CA ALA A 10 -8.10 8.11 8.92
C ALA A 10 -9.10 8.19 7.78
N PHE A 11 -9.69 7.06 7.38
CA PHE A 11 -10.63 7.10 6.26
C PHE A 11 -11.81 8.01 6.53
N LEU A 12 -12.32 8.02 7.78
CA LEU A 12 -13.52 8.80 8.07
C LEU A 12 -13.24 10.30 8.14
N THR A 13 -12.12 10.68 8.74
CA THR A 13 -11.78 12.09 8.78
C THR A 13 -11.37 12.61 7.41
N LYS A 14 -10.67 11.79 6.64
CA LYS A 14 -10.36 12.18 5.26
C LYS A 14 -11.63 12.33 4.44
N LEU A 15 -12.55 11.36 4.56
CA LEU A 15 -13.83 11.44 3.84
C LEU A 15 -14.60 12.68 4.26
N TRP A 16 -14.69 12.94 5.57
CA TRP A 16 -15.36 14.13 6.05
C TRP A 16 -14.75 15.39 5.44
N THR A 17 -13.43 15.44 5.40
CA THR A 17 -12.75 16.64 4.89
C THR A 17 -13.02 16.83 3.39
N LEU A 18 -12.82 15.79 2.59
CA LEU A 18 -12.92 15.98 1.14
C LEU A 18 -14.37 16.18 0.70
N VAL A 19 -15.34 15.59 1.41
CA VAL A 19 -16.73 15.87 1.11
C VAL A 19 -17.06 17.32 1.47
N SER A 20 -16.66 17.75 2.66
CA SER A 20 -16.97 19.10 3.13
C SER A 20 -16.18 20.18 2.41
N ASP A 21 -15.06 19.83 1.79
CA ASP A 21 -14.24 20.84 1.13
C ASP A 21 -15.01 21.47 -0.03
N PRO A 22 -15.24 22.79 -0.02
CA PRO A 22 -15.91 23.41 -1.17
C PRO A 22 -15.11 23.33 -2.45
N ASP A 23 -13.79 23.21 -2.38
CA ASP A 23 -12.97 23.17 -3.59
C ASP A 23 -13.11 21.86 -4.38
N THR A 24 -13.85 20.89 -3.87
CA THR A 24 -14.08 19.62 -4.57
C THR A 24 -15.53 19.37 -4.90
N ASP A 25 -16.43 20.35 -4.67
CA ASP A 25 -17.85 20.12 -4.76
C ASP A 25 -18.33 19.76 -6.16
N ALA A 26 -17.57 20.09 -7.21
CA ALA A 26 -17.95 19.66 -8.55
C ALA A 26 -17.71 18.16 -8.76
N LEU A 27 -17.03 17.50 -7.83
CA LEU A 27 -16.77 16.07 -7.91
C LEU A 27 -17.31 15.28 -6.73
N ILE A 28 -17.35 15.86 -5.53
CA ILE A 28 -17.89 15.20 -4.35
C ILE A 28 -18.36 16.26 -3.38
N CYS A 29 -19.61 16.15 -2.92
CA CYS A 29 -20.21 17.20 -2.12
C CYS A 29 -21.38 16.64 -1.32
N TRP A 30 -21.70 17.33 -0.22
CA TRP A 30 -22.90 16.99 0.54
C TRP A 30 -24.14 17.16 -0.32
N SER A 31 -25.15 16.35 -0.05
CA SER A 31 -26.46 16.59 -0.63
C SER A 31 -27.06 17.85 -0.01
N PRO A 32 -28.03 18.48 -0.68
CA PRO A 32 -28.65 19.69 -0.10
C PRO A 32 -29.20 19.48 1.30
N SER A 33 -29.76 18.31 1.60
CA SER A 33 -30.28 18.04 2.93
C SER A 33 -29.20 17.58 3.91
N GLY A 34 -28.02 17.20 3.43
CA GLY A 34 -26.93 16.85 4.31
C GLY A 34 -26.93 15.46 4.91
N ASN A 35 -27.74 14.51 4.44
CA ASN A 35 -27.69 13.16 4.99
C ASN A 35 -26.84 12.28 4.13
N SER A 36 -26.28 12.81 3.07
CA SER A 36 -25.57 11.96 2.14
C SER A 36 -24.65 12.83 1.31
N PHE A 37 -23.85 12.17 0.48
CA PHE A 37 -22.98 12.91 -0.41
C PHE A 37 -23.04 12.28 -1.79
N HIS A 38 -22.85 13.13 -2.79
CA HIS A 38 -22.83 12.74 -4.18
C HIS A 38 -21.40 12.68 -4.69
N VAL A 39 -21.17 11.80 -5.65
CA VAL A 39 -19.93 11.74 -6.41
C VAL A 39 -20.32 11.96 -7.86
N PHE A 40 -19.79 13.04 -8.45
CA PHE A 40 -20.04 13.35 -9.85
C PHE A 40 -18.82 12.98 -10.68
N ASP A 41 -19.07 12.39 -11.84
CA ASP A 41 -18.03 11.99 -12.79
C ASP A 41 -16.97 11.14 -12.10
N GLN A 42 -17.38 9.89 -11.83
CA GLN A 42 -16.55 8.98 -11.05
C GLN A 42 -15.18 8.76 -11.67
N GLY A 43 -15.09 8.80 -13.00
CA GLY A 43 -13.79 8.64 -13.64
C GLY A 43 -12.82 9.74 -13.25
N GLN A 44 -13.26 11.00 -13.37
CA GLN A 44 -12.38 12.11 -12.99
C GLN A 44 -12.14 12.15 -11.49
N PHE A 45 -13.17 11.90 -10.70
CA PHE A 45 -13.03 11.87 -9.24
C PHE A 45 -11.98 10.85 -8.82
N ALA A 46 -12.05 9.63 -9.39
CA ALA A 46 -11.16 8.58 -8.95
C ALA A 46 -9.70 8.86 -9.32
N LYS A 47 -9.45 9.41 -10.50
CA LYS A 47 -8.08 9.63 -10.92
C LYS A 47 -7.48 10.91 -10.32
N GLU A 48 -8.31 11.91 -10.05
CA GLU A 48 -7.82 13.23 -9.68
C GLU A 48 -8.03 13.61 -8.23
N VAL A 49 -8.99 13.01 -7.53
CA VAL A 49 -9.29 13.35 -6.14
C VAL A 49 -8.77 12.27 -5.19
N LEU A 50 -9.07 11.00 -5.47
CA LEU A 50 -8.69 9.91 -4.58
C LEU A 50 -7.20 9.87 -4.24
N PRO A 51 -6.27 10.00 -5.20
CA PRO A 51 -4.85 9.91 -4.84
C PRO A 51 -4.35 11.06 -3.95
N LYS A 52 -5.11 12.15 -3.81
CA LYS A 52 -4.71 13.21 -2.90
C LYS A 52 -4.89 12.80 -1.44
N TYR A 53 -5.71 11.81 -1.18
CA TYR A 53 -5.99 11.37 0.18
C TYR A 53 -5.59 9.93 0.46
N PHE A 54 -5.56 9.08 -0.56
CA PHE A 54 -5.34 7.65 -0.35
C PHE A 54 -4.23 7.17 -1.27
N LYS A 55 -3.76 5.95 -1.00
CA LYS A 55 -2.71 5.31 -1.78
C LYS A 55 -3.24 4.56 -2.99
N HIS A 56 -4.25 5.11 -3.66
CA HIS A 56 -4.85 4.46 -4.82
C HIS A 56 -5.66 5.48 -5.59
N ASN A 57 -6.12 5.07 -6.77
CA ASN A 57 -6.99 5.88 -7.60
C ASN A 57 -8.14 5.04 -8.16
N ASN A 58 -8.62 4.08 -7.36
CA ASN A 58 -9.65 3.15 -7.78
C ASN A 58 -10.94 3.47 -7.05
N MET A 59 -12.00 3.74 -7.81
CA MET A 59 -13.31 3.97 -7.20
C MET A 59 -13.77 2.74 -6.41
N ALA A 60 -13.43 1.54 -6.88
CA ALA A 60 -13.86 0.33 -6.19
C ALA A 60 -13.25 0.22 -4.80
N SER A 61 -12.00 0.65 -4.63
CA SER A 61 -11.39 0.60 -3.31
C SER A 61 -11.94 1.68 -2.38
N PHE A 62 -12.38 2.80 -2.96
CA PHE A 62 -13.06 3.83 -2.18
C PHE A 62 -14.42 3.33 -1.71
N VAL A 63 -15.16 2.67 -2.60
CA VAL A 63 -16.47 2.13 -2.25
C VAL A 63 -16.34 0.99 -1.24
N ARG A 64 -15.30 0.16 -1.38
CA ARG A 64 -15.09 -0.91 -0.41
C ARG A 64 -14.93 -0.34 1.00
N GLN A 65 -14.19 0.76 1.13
CA GLN A 65 -14.03 1.39 2.44
C GLN A 65 -15.36 1.96 2.93
N LEU A 66 -16.13 2.57 2.04
CA LEU A 66 -17.45 3.08 2.41
C LEU A 66 -18.31 1.95 2.97
N ASN A 67 -18.38 0.83 2.26
CA ASN A 67 -19.16 -0.30 2.75
C ASN A 67 -18.56 -0.88 4.03
N MET A 68 -17.23 -0.87 4.16
CA MET A 68 -16.58 -1.41 5.36
C MET A 68 -17.00 -0.66 6.61
N TYR A 69 -17.19 0.65 6.50
CA TYR A 69 -17.64 1.44 7.64
C TYR A 69 -19.14 1.57 7.60
N GLY A 70 -19.78 0.84 6.70
CA GLY A 70 -21.21 0.78 6.73
C GLY A 70 -21.99 1.74 5.87
N PHE A 71 -21.34 2.51 5.01
CA PHE A 71 -22.08 3.35 4.09
C PHE A 71 -22.84 2.43 3.13
N ARG A 72 -23.94 2.94 2.59
CA ARG A 72 -24.74 2.20 1.62
C ARG A 72 -24.99 3.12 0.44
N LYS A 73 -24.99 2.54 -0.75
CA LYS A 73 -25.36 3.30 -1.93
C LYS A 73 -26.82 3.75 -1.82
N VAL A 74 -27.10 4.97 -2.25
CA VAL A 74 -28.46 5.47 -2.29
C VAL A 74 -29.07 5.07 -3.63
N VAL A 75 -30.25 4.46 -3.58
CA VAL A 75 -30.97 4.08 -4.79
C VAL A 75 -31.07 5.24 -5.78
N GLU A 86 -27.80 9.29 -17.47
CA GLU A 86 -26.74 9.89 -18.27
C GLU A 86 -25.39 9.81 -17.56
N ARG A 87 -25.10 10.80 -16.72
CA ARG A 87 -23.78 10.93 -16.11
C ARG A 87 -23.45 9.74 -15.23
N ASP A 88 -22.16 9.51 -15.05
CA ASP A 88 -21.65 8.44 -14.19
C ASP A 88 -21.52 8.99 -12.76
N ASP A 89 -22.68 9.14 -12.11
CA ASP A 89 -22.76 9.69 -10.77
C ASP A 89 -23.33 8.67 -9.80
N THR A 90 -22.90 8.77 -8.54
CA THR A 90 -23.35 7.86 -7.50
C THR A 90 -23.55 8.66 -6.22
N GLU A 91 -24.21 8.04 -5.25
CA GLU A 91 -24.56 8.71 -4.00
C GLU A 91 -24.51 7.68 -2.88
N PHE A 92 -23.93 8.08 -1.74
CA PHE A 92 -23.78 7.20 -0.59
C PHE A 92 -24.28 7.87 0.68
N GLN A 93 -24.71 7.05 1.63
CA GLN A 93 -25.23 7.55 2.89
C GLN A 93 -24.80 6.64 4.04
N HIS A 94 -24.63 7.26 5.21
CA HIS A 94 -24.44 6.60 6.49
C HIS A 94 -25.30 7.38 7.47
N PRO A 95 -26.02 6.69 8.38
CA PRO A 95 -26.87 7.41 9.34
C PRO A 95 -26.11 8.38 10.23
N CYS A 96 -24.80 8.20 10.41
CA CYS A 96 -24.00 9.05 11.27
C CYS A 96 -22.98 9.90 10.51
N PHE A 97 -23.11 9.98 9.18
CA PHE A 97 -22.27 10.83 8.34
C PHE A 97 -23.14 11.99 7.86
N LEU A 98 -23.21 13.04 8.67
CA LEU A 98 -24.14 14.15 8.46
C LEU A 98 -23.39 15.47 8.44
N ARG A 99 -23.76 16.32 7.49
CA ARG A 99 -23.12 17.64 7.39
C ARG A 99 -23.30 18.41 8.69
N GLY A 100 -22.21 18.98 9.19
CA GLY A 100 -22.25 19.75 10.41
C GLY A 100 -22.08 18.94 11.69
N GLN A 101 -22.28 17.64 11.64
CA GLN A 101 -22.16 16.79 12.83
C GLN A 101 -20.92 15.89 12.74
N GLU A 102 -19.75 16.52 12.77
CA GLU A 102 -18.51 15.76 12.63
C GLU A 102 -18.31 14.80 13.79
N GLN A 103 -18.84 15.14 14.97
CA GLN A 103 -18.59 14.36 16.16
C GLN A 103 -19.19 12.96 16.09
N LEU A 104 -20.18 12.76 15.23
CA LEU A 104 -20.80 11.45 15.09
C LEU A 104 -19.81 10.40 14.59
N LEU A 105 -18.72 10.84 13.94
CA LEU A 105 -17.69 9.93 13.42
C LEU A 105 -17.07 9.07 14.52
N GLU A 106 -17.09 9.53 15.78
CA GLU A 106 -16.43 8.79 16.86
C GLU A 106 -17.02 7.41 17.03
N ASN A 107 -18.28 7.22 16.71
CA ASN A 107 -18.96 5.96 16.95
C ASN A 107 -19.15 5.14 15.67
N ILE A 108 -18.54 5.55 14.57
CA ILE A 108 -18.60 4.79 13.32
C ILE A 108 -17.44 3.81 13.32
N LYS A 109 -17.76 2.54 13.48
CA LYS A 109 -16.80 1.44 13.54
C LYS A 109 -17.03 0.54 12.33
N ARG A 110 -16.05 -0.29 12.02
CA ARG A 110 -16.31 -1.28 10.97
C ARG A 110 -17.39 -2.26 11.43
N LYS A 111 -18.34 -2.58 10.53
CA LYS A 111 -19.20 -3.81 10.54
C LYS A 111 -18.46 -5.14 10.27
N GLY B 1 -9.24 -12.10 -1.92
CA GLY B 1 -8.18 -13.10 -1.90
C GLY B 1 -7.37 -13.17 -3.18
N HIS B 2 -6.56 -14.21 -3.30
CA HIS B 2 -5.67 -14.38 -4.45
C HIS B 2 -6.36 -15.16 -5.56
N HIS B 3 -5.68 -15.25 -6.71
CA HIS B 3 -6.20 -15.99 -7.85
C HIS B 3 -6.49 -17.44 -7.46
N HIS B 4 -7.55 -18.00 -8.06
CA HIS B 4 -7.90 -19.39 -7.81
C HIS B 4 -6.93 -20.35 -8.49
N HIS B 5 -6.40 -20.00 -9.67
CA HIS B 5 -5.64 -20.93 -10.49
C HIS B 5 -4.16 -21.00 -10.11
N HIS B 6 -3.56 -19.86 -9.78
CA HIS B 6 -2.13 -19.79 -9.52
C HIS B 6 -1.84 -18.50 -8.78
N HIS B 7 -0.99 -18.58 -7.76
CA HIS B 7 -0.75 -17.44 -6.88
C HIS B 7 0.73 -17.31 -6.60
N VAL B 8 1.33 -16.24 -7.09
CA VAL B 8 2.62 -15.74 -6.62
C VAL B 8 2.41 -14.31 -6.18
N PRO B 9 2.56 -13.98 -4.89
CA PRO B 9 2.22 -12.63 -4.42
C PRO B 9 3.04 -11.57 -5.11
N ALA B 10 2.41 -10.39 -5.26
CA ALA B 10 3.06 -9.30 -5.99
C ALA B 10 4.37 -8.89 -5.34
N PHE B 11 4.49 -9.02 -4.01
CA PHE B 11 5.71 -8.60 -3.35
C PHE B 11 6.92 -9.40 -3.83
N LEU B 12 6.72 -10.69 -4.10
CA LEU B 12 7.85 -11.55 -4.43
C LEU B 12 8.36 -11.30 -5.85
N THR B 13 7.46 -11.12 -6.81
CA THR B 13 7.93 -10.81 -8.17
C THR B 13 8.52 -9.41 -8.23
N LYS B 14 7.93 -8.47 -7.50
CA LYS B 14 8.52 -7.12 -7.43
C LYS B 14 9.89 -7.18 -6.77
N LEU B 15 10.02 -7.93 -5.68
CA LEU B 15 11.32 -8.08 -5.03
C LEU B 15 12.34 -8.72 -5.95
N TRP B 16 11.96 -9.80 -6.62
CA TRP B 16 12.87 -10.45 -7.56
C TRP B 16 13.36 -9.47 -8.63
N THR B 17 12.43 -8.68 -9.18
CA THR B 17 12.77 -7.76 -10.26
C THR B 17 13.71 -6.67 -9.78
N LEU B 18 13.38 -6.01 -8.66
CA LEU B 18 14.19 -4.86 -8.25
C LEU B 18 15.55 -5.27 -7.73
N VAL B 19 15.65 -6.46 -7.13
CA VAL B 19 16.96 -6.98 -6.74
C VAL B 19 17.80 -7.31 -7.96
N SER B 20 17.21 -8.02 -8.92
CA SER B 20 17.95 -8.48 -10.10
C SER B 20 18.27 -7.35 -11.08
N ASP B 21 17.59 -6.22 -10.98
CA ASP B 21 17.78 -5.12 -11.93
C ASP B 21 19.20 -4.60 -11.82
N PRO B 22 20.00 -4.62 -12.90
CA PRO B 22 21.34 -4.03 -12.83
C PRO B 22 21.31 -2.53 -12.60
N ASP B 23 20.23 -1.84 -12.96
CA ASP B 23 20.15 -0.40 -12.76
C ASP B 23 19.96 -0.02 -11.29
N THR B 24 19.78 -0.97 -10.39
CA THR B 24 19.65 -0.69 -8.97
C THR B 24 20.76 -1.30 -8.13
N ASP B 25 21.75 -1.94 -8.77
CA ASP B 25 22.73 -2.73 -8.04
C ASP B 25 23.61 -1.90 -7.11
N ALA B 26 23.73 -0.60 -7.34
CA ALA B 26 24.45 0.23 -6.38
C ALA B 26 23.66 0.44 -5.09
N LEU B 27 22.38 0.06 -5.08
CA LEU B 27 21.51 0.19 -3.91
C LEU B 27 20.98 -1.13 -3.39
N ILE B 28 20.71 -2.10 -4.27
CA ILE B 28 20.23 -3.42 -3.86
C ILE B 28 20.65 -4.41 -4.94
N CYS B 29 21.28 -5.51 -4.53
CA CYS B 29 21.85 -6.44 -5.50
C CYS B 29 22.02 -7.80 -4.87
N TRP B 30 22.04 -8.82 -5.72
CA TRP B 30 22.36 -10.17 -5.29
C TRP B 30 23.78 -10.22 -4.73
N SER B 31 23.98 -11.12 -3.76
CA SER B 31 25.33 -11.46 -3.34
C SER B 31 26.03 -12.25 -4.45
N PRO B 32 27.36 -12.30 -4.42
CA PRO B 32 28.07 -13.07 -5.46
C PRO B 32 27.58 -14.51 -5.59
N SER B 33 27.25 -15.17 -4.49
CA SER B 33 26.78 -16.55 -4.55
C SER B 33 25.31 -16.67 -4.93
N GLY B 34 24.57 -15.55 -4.95
CA GLY B 34 23.18 -15.60 -5.38
C GLY B 34 22.21 -16.14 -4.37
N ASN B 35 22.62 -16.35 -3.13
CA ASN B 35 21.76 -16.87 -2.08
C ASN B 35 21.32 -15.81 -1.07
N SER B 36 21.61 -14.54 -1.34
CA SER B 36 21.17 -13.44 -0.49
C SER B 36 21.23 -12.16 -1.32
N PHE B 37 20.74 -11.07 -0.75
CA PHE B 37 20.85 -9.76 -1.39
C PHE B 37 21.23 -8.70 -0.36
N HIS B 38 21.98 -7.71 -0.84
CA HIS B 38 22.46 -6.60 -0.02
C HIS B 38 21.61 -5.36 -0.28
N VAL B 39 21.49 -4.52 0.75
CA VAL B 39 20.90 -3.20 0.61
C VAL B 39 21.95 -2.18 1.05
N PHE B 40 22.36 -1.33 0.12
CA PHE B 40 23.33 -0.27 0.38
C PHE B 40 22.61 1.06 0.47
N ASP B 41 22.98 1.87 1.46
CA ASP B 41 22.38 3.18 1.68
C ASP B 41 20.87 3.07 1.76
N GLN B 42 20.36 2.60 2.91
CA GLN B 42 18.94 2.33 3.06
C GLN B 42 18.10 3.57 2.78
N GLY B 43 18.60 4.74 3.18
CA GLY B 43 17.86 5.97 2.93
C GLY B 43 17.66 6.25 1.45
N GLN B 44 18.74 6.14 0.67
CA GLN B 44 18.63 6.37 -0.77
C GLN B 44 17.83 5.27 -1.44
N PHE B 45 18.02 4.02 -1.03
CA PHE B 45 17.24 2.92 -1.58
C PHE B 45 15.74 3.14 -1.36
N ALA B 46 15.36 3.61 -0.17
CA ALA B 46 13.95 3.79 0.15
C ALA B 46 13.32 4.87 -0.72
N LYS B 47 14.07 5.95 -0.99
CA LYS B 47 13.51 7.05 -1.79
C LYS B 47 13.55 6.76 -3.27
N GLU B 48 14.50 5.95 -3.72
CA GLU B 48 14.74 5.82 -5.15
C GLU B 48 14.23 4.53 -5.75
N VAL B 49 14.13 3.45 -4.98
CA VAL B 49 13.68 2.16 -5.51
C VAL B 49 12.27 1.82 -5.04
N LEU B 50 12.02 1.95 -3.73
CA LEU B 50 10.73 1.55 -3.17
C LEU B 50 9.52 2.19 -3.85
N PRO B 51 9.48 3.51 -4.09
CA PRO B 51 8.26 4.09 -4.68
C PRO B 51 7.96 3.64 -6.09
N LYS B 52 8.96 3.08 -6.78
CA LYS B 52 8.78 2.57 -8.14
C LYS B 52 7.98 1.27 -8.18
N TYR B 53 7.90 0.55 -7.06
CA TYR B 53 7.24 -0.74 -6.98
C TYR B 53 6.11 -0.81 -5.96
N PHE B 54 6.13 0.02 -4.92
CA PHE B 54 5.17 -0.09 -3.83
C PHE B 54 4.51 1.26 -3.59
N LYS B 55 3.46 1.22 -2.76
CA LYS B 55 2.70 2.41 -2.40
C LYS B 55 3.31 3.15 -1.22
N HIS B 56 4.63 3.16 -1.11
CA HIS B 56 5.31 3.81 0.01
C HIS B 56 6.78 3.98 -0.35
N ASN B 57 7.49 4.70 0.51
CA ASN B 57 8.93 4.90 0.39
C ASN B 57 9.60 4.68 1.74
N ASN B 58 9.08 3.72 2.52
CA ASN B 58 9.53 3.47 3.88
C ASN B 58 10.33 2.17 3.92
N MET B 59 11.57 2.26 4.36
CA MET B 59 12.36 1.04 4.56
C MET B 59 11.69 0.10 5.54
N ALA B 60 11.03 0.67 6.58
CA ALA B 60 10.41 -0.16 7.60
C ALA B 60 9.28 -1.01 7.03
N SER B 61 8.50 -0.44 6.10
CA SER B 61 7.41 -1.21 5.51
C SER B 61 7.93 -2.24 4.52
N PHE B 62 9.07 -1.97 3.89
CA PHE B 62 9.72 -2.98 3.05
C PHE B 62 10.25 -4.13 3.89
N VAL B 63 10.91 -3.81 5.02
CA VAL B 63 11.44 -4.86 5.90
C VAL B 63 10.30 -5.62 6.56
N ARG B 64 9.20 -4.95 6.89
CA ARG B 64 8.05 -5.66 7.45
C ARG B 64 7.59 -6.76 6.51
N GLN B 65 7.52 -6.46 5.22
CA GLN B 65 7.14 -7.47 4.23
C GLN B 65 8.19 -8.56 4.11
N LEU B 66 9.47 -8.19 4.15
CA LEU B 66 10.52 -9.20 4.11
C LEU B 66 10.35 -10.20 5.25
N ASN B 67 10.15 -9.70 6.47
CA ASN B 67 9.93 -10.59 7.60
C ASN B 67 8.62 -11.35 7.48
N MET B 68 7.58 -10.73 6.92
CA MET B 68 6.31 -11.43 6.74
C MET B 68 6.46 -12.64 5.82
N TYR B 69 7.38 -12.58 4.88
CA TYR B 69 7.59 -13.68 3.94
C TYR B 69 8.75 -14.58 4.36
N GLY B 70 9.25 -14.44 5.58
CA GLY B 70 10.23 -15.36 6.10
C GLY B 70 11.68 -14.99 5.86
N PHE B 71 11.95 -13.85 5.23
CA PHE B 71 13.33 -13.40 5.06
C PHE B 71 13.93 -13.03 6.41
N ARG B 72 15.24 -13.22 6.54
CA ARG B 72 15.97 -12.88 7.76
C ARG B 72 17.23 -12.11 7.40
N LYS B 73 17.61 -11.18 8.29
CA LYS B 73 18.85 -10.46 8.13
C LYS B 73 20.04 -11.43 8.24
N VAL B 74 21.03 -11.24 7.37
CA VAL B 74 22.26 -12.02 7.44
C VAL B 74 23.24 -11.28 8.34
N VAL B 75 23.79 -11.97 9.33
CA VAL B 75 24.80 -11.41 10.21
C VAL B 75 26.11 -12.14 9.98
N HIS B 76 27.22 -11.44 10.23
CA HIS B 76 28.54 -11.94 9.90
C HIS B 76 29.46 -11.84 11.12
N ILE B 77 30.27 -12.87 11.33
CA ILE B 77 31.27 -12.83 12.39
C ILE B 77 32.34 -11.81 12.04
N GLU B 78 32.78 -11.05 13.03
CA GLU B 78 33.80 -10.03 12.85
C GLU B 78 35.15 -10.62 13.29
N GLN B 79 36.05 -10.81 12.35
CA GLN B 79 37.38 -11.33 12.63
C GLN B 79 38.43 -10.25 12.46
N GLY B 80 39.56 -10.42 13.14
CA GLY B 80 40.62 -9.44 13.13
C GLY B 80 40.50 -8.46 14.27
N GLY B 81 41.64 -7.83 14.60
CA GLY B 81 41.69 -6.91 15.71
C GLY B 81 41.47 -5.46 15.34
N LEU B 82 41.61 -5.14 14.05
CA LEU B 82 41.43 -3.77 13.60
C LEU B 82 39.98 -3.35 13.69
N VAL B 83 39.74 -2.14 14.18
CA VAL B 83 38.37 -1.63 14.30
C VAL B 83 37.77 -1.46 12.91
N LYS B 84 36.45 -1.68 12.83
CA LYS B 84 35.69 -1.56 11.60
C LYS B 84 34.53 -0.63 11.84
N PRO B 85 34.33 0.40 11.00
CA PRO B 85 33.13 1.25 11.10
C PRO B 85 31.89 0.55 10.55
N ASP B 89 23.95 -0.42 5.37
CA ASP B 89 24.59 -1.61 4.82
C ASP B 89 24.04 -2.85 5.52
N THR B 90 23.10 -3.53 4.87
CA THR B 90 22.42 -4.69 5.44
C THR B 90 22.25 -5.76 4.37
N GLU B 91 21.91 -6.97 4.81
CA GLU B 91 21.83 -8.12 3.93
C GLU B 91 20.70 -9.04 4.41
N PHE B 92 19.92 -9.56 3.47
CA PHE B 92 18.78 -10.42 3.78
C PHE B 92 18.85 -11.72 3.00
N GLN B 93 18.27 -12.78 3.55
CA GLN B 93 18.27 -14.08 2.89
C GLN B 93 16.96 -14.82 3.14
N HIS B 94 16.58 -15.64 2.16
CA HIS B 94 15.51 -16.61 2.30
C HIS B 94 16.00 -17.89 1.63
N PRO B 95 15.77 -19.05 2.26
CA PRO B 95 16.24 -20.30 1.65
C PRO B 95 15.67 -20.58 0.28
N CYS B 96 14.54 -19.96 -0.09
CA CYS B 96 13.91 -20.19 -1.37
C CYS B 96 14.04 -18.98 -2.30
N PHE B 97 14.85 -17.99 -1.94
CA PHE B 97 15.09 -16.82 -2.77
C PHE B 97 16.52 -16.93 -3.30
N LEU B 98 16.68 -17.68 -4.40
CA LEU B 98 17.99 -18.01 -4.91
C LEU B 98 18.07 -17.63 -6.39
N ARG B 99 19.12 -16.89 -6.75
CA ARG B 99 19.37 -16.58 -8.14
C ARG B 99 19.67 -17.85 -8.91
N GLY B 100 19.06 -18.00 -10.08
CA GLY B 100 19.22 -19.18 -10.91
C GLY B 100 18.25 -20.30 -10.58
N GLN B 101 17.67 -20.29 -9.38
CA GLN B 101 16.61 -21.20 -9.00
C GLN B 101 15.33 -20.41 -8.86
N GLU B 102 14.92 -19.83 -9.97
CA GLU B 102 13.86 -18.85 -9.89
C GLU B 102 12.52 -19.46 -9.49
N GLN B 103 12.28 -20.72 -9.86
CA GLN B 103 10.97 -21.30 -9.58
C GLN B 103 10.71 -21.49 -8.08
N LEU B 104 11.76 -21.57 -7.26
CA LEU B 104 11.55 -21.71 -5.82
C LEU B 104 10.86 -20.49 -5.22
N LEU B 105 10.88 -19.37 -5.92
CA LEU B 105 10.16 -18.19 -5.43
C LEU B 105 8.69 -18.50 -5.23
N GLU B 106 8.15 -19.43 -6.03
CA GLU B 106 6.75 -19.82 -5.95
C GLU B 106 6.41 -20.53 -4.64
N ASN B 107 7.39 -21.09 -3.93
CA ASN B 107 7.10 -21.82 -2.70
C ASN B 107 7.23 -20.95 -1.45
N ILE B 108 7.43 -19.65 -1.63
CA ILE B 108 7.53 -18.71 -0.52
C ILE B 108 6.12 -18.24 -0.19
N LYS B 109 5.64 -18.57 1.01
CA LYS B 109 4.30 -18.16 1.42
C LYS B 109 4.38 -17.11 2.52
N ARG B 110 3.42 -16.20 2.49
CA ARG B 110 3.27 -15.17 3.51
C ARG B 110 2.78 -15.77 4.82
N LYS B 111 3.19 -15.15 5.92
CA LYS B 111 2.68 -15.57 7.22
C LYS B 111 1.21 -15.16 7.33
N VAL B 112 0.46 -15.88 8.15
CA VAL B 112 -0.98 -15.68 8.27
C VAL B 112 -1.24 -14.82 9.51
N THR B 113 -1.91 -13.70 9.32
CA THR B 113 -2.37 -12.83 10.41
C THR B 113 -3.22 -11.69 9.87
#